data_7MLN
#
_entry.id   7MLN
#
_cell.length_a   56.948
_cell.length_b   124.410
_cell.length_c   38.896
_cell.angle_alpha   90.000
_cell.angle_beta   90.000
_cell.angle_gamma   90.000
#
_symmetry.space_group_name_H-M   'P 21 21 2'
#
loop_
_entity.id
_entity.type
_entity.pdbx_description
1 polymer Ricin
2 non-polymer '5-(2-methylphenyl)thiophene-2-carboxylic acid'
3 non-polymer GLYCEROL
4 water water
#
_entity_poly.entity_id   1
_entity_poly.type   'polypeptide(L)'
_entity_poly.pdbx_seq_one_letter_code
;MIFPKQYPIINFTTAGATVQSYTNFIRAVRGRLTTGADVRHEIPVLPNRVGLPINQRFILVELSNHAELSVTLALDVTNA
YVVGYRAGNSAYFFHPDNQEDAEAITHLFTDVQNRYTFAFGGNYDRLEQLAGNLRENIELGNGPLEEAISALYYYSTGGT
QLPTLARSFIICIQMISEAARFQYIEGEMRTRIRYNRRSAPDPSVITLENSWGRLSTAIQESNQGAFASPIQLQRRNGSK
FSVYDVSILIPIIALMVYRCAPPPSSQF
;
_entity_poly.pdbx_strand_id   A
#
loop_
_chem_comp.id
_chem_comp.type
_chem_comp.name
_chem_comp.formula
GOL non-polymer GLYCEROL 'C3 H8 O3'
ZJA non-polymer '5-(2-methylphenyl)thiophene-2-carboxylic acid' 'C12 H10 O2 S'
#
# COMPACT_ATOMS: atom_id res chain seq x y z
N ILE A 2 26.09 12.69 5.46
CA ILE A 2 24.77 12.30 6.05
C ILE A 2 24.66 10.78 6.02
N PHE A 3 24.55 10.15 7.20
CA PHE A 3 24.36 8.68 7.35
C PHE A 3 22.92 8.44 7.81
N PRO A 4 21.99 8.13 6.87
CA PRO A 4 20.57 8.05 7.20
C PRO A 4 20.21 6.94 8.19
N LYS A 5 19.09 7.11 8.85
CA LYS A 5 18.41 6.04 9.61
C LYS A 5 18.18 4.85 8.67
N GLN A 6 18.37 3.65 9.20
CA GLN A 6 18.27 2.40 8.44
C GLN A 6 16.95 1.72 8.80
N TYR A 7 16.10 1.51 7.80
CA TYR A 7 14.81 0.81 8.00
C TYR A 7 14.86 -0.56 7.34
N PRO A 8 14.07 -1.51 7.86
CA PRO A 8 13.94 -2.83 7.25
C PRO A 8 13.57 -2.69 5.76
N ILE A 9 14.15 -3.53 4.92
CA ILE A 9 13.91 -3.54 3.46
C ILE A 9 13.43 -4.92 3.02
N ILE A 10 12.36 -4.94 2.24
CA ILE A 10 11.82 -6.16 1.59
C ILE A 10 11.93 -5.95 0.09
N ASN A 11 12.46 -6.94 -0.62
CA ASN A 11 12.72 -6.89 -2.08
C ASN A 11 11.62 -7.63 -2.80
N PHE A 12 11.16 -7.07 -3.91
CA PHE A 12 10.31 -7.78 -4.89
C PHE A 12 10.81 -7.41 -6.28
N THR A 13 10.79 -8.36 -7.19
CA THR A 13 11.08 -8.11 -8.63
C THR A 13 9.94 -8.68 -9.47
N THR A 14 9.53 -7.94 -10.49
CA THR A 14 8.56 -8.42 -11.50
C THR A 14 9.27 -9.38 -12.47
N ALA A 15 10.60 -9.41 -12.46
CA ALA A 15 11.40 -10.24 -13.37
C ALA A 15 11.31 -11.69 -12.88
N GLY A 16 10.56 -12.50 -13.59
CA GLY A 16 10.37 -13.93 -13.24
C GLY A 16 9.44 -14.11 -12.05
N ALA A 17 8.56 -13.13 -11.76
CA ALA A 17 7.61 -13.21 -10.63
C ALA A 17 6.70 -14.43 -10.77
N THR A 18 6.38 -15.04 -9.63
CA THR A 18 5.47 -16.20 -9.53
C THR A 18 4.49 -15.99 -8.39
N VAL A 19 3.46 -16.82 -8.31
CA VAL A 19 2.52 -16.82 -7.16
C VAL A 19 3.37 -16.96 -5.89
N GLN A 20 4.36 -17.86 -5.90
CA GLN A 20 5.24 -18.10 -4.72
C GLN A 20 6.01 -16.82 -4.38
N SER A 21 6.72 -16.20 -5.33
CA SER A 21 7.60 -15.04 -5.04
C SER A 21 6.72 -13.87 -4.57
N TYR A 22 5.54 -13.70 -5.15
CA TYR A 22 4.62 -12.62 -4.73
C TYR A 22 4.08 -12.92 -3.33
N THR A 23 3.70 -14.16 -3.07
CA THR A 23 3.23 -14.60 -1.73
C THR A 23 4.33 -14.35 -0.69
N ASN A 24 5.56 -14.74 -0.98
CA ASN A 24 6.71 -14.58 -0.04
C ASN A 24 6.84 -13.09 0.29
N PHE A 25 6.71 -12.24 -0.73
CA PHE A 25 6.87 -10.76 -0.61
C PHE A 25 5.80 -10.23 0.35
N ILE A 26 4.54 -10.50 0.07
CA ILE A 26 3.43 -9.91 0.86
C ILE A 26 3.51 -10.42 2.30
N ARG A 27 3.85 -11.70 2.49
CA ARG A 27 3.97 -12.28 3.86
C ARG A 27 5.12 -11.59 4.59
N ALA A 28 6.22 -11.28 3.89
CA ALA A 28 7.39 -10.60 4.48
C ALA A 28 6.98 -9.16 4.87
N VAL A 29 6.21 -8.48 4.01
CA VAL A 29 5.76 -7.08 4.29
C VAL A 29 4.87 -7.11 5.54
N ARG A 30 3.89 -8.01 5.60
CA ARG A 30 3.01 -8.18 6.78
C ARG A 30 3.85 -8.47 8.03
N GLY A 31 4.83 -9.37 7.91
CA GLY A 31 5.76 -9.72 8.99
C GLY A 31 6.35 -8.49 9.66
N ARG A 32 6.94 -7.58 8.88
CA ARG A 32 7.68 -6.40 9.39
C ARG A 32 6.72 -5.27 9.76
N LEU A 33 5.45 -5.33 9.34
CA LEU A 33 4.44 -4.32 9.74
C LEU A 33 3.90 -4.64 11.14
N THR A 34 3.76 -5.93 11.48
CA THR A 34 3.03 -6.40 12.69
C THR A 34 3.98 -6.90 13.80
N THR A 35 5.26 -6.53 13.79
CA THR A 35 6.20 -6.84 14.92
C THR A 35 5.78 -6.03 16.14
N GLY A 36 5.31 -4.79 15.94
CA GLY A 36 4.67 -3.95 16.97
C GLY A 36 3.16 -4.16 17.03
N ALA A 37 2.56 -3.97 18.21
CA ALA A 37 1.13 -4.22 18.52
C ALA A 37 0.77 -5.69 18.26
N ASP A 38 -0.45 -6.12 18.60
CA ASP A 38 -0.85 -7.55 18.47
C ASP A 38 -2.35 -7.67 18.17
N VAL A 39 -2.94 -8.85 18.46
CA VAL A 39 -4.10 -9.45 17.74
C VAL A 39 -5.43 -9.12 18.43
N ARG A 40 -6.48 -8.88 17.64
CA ARG A 40 -7.89 -8.73 18.09
C ARG A 40 -8.81 -9.47 17.11
N HIS A 41 -9.44 -10.56 17.57
CA HIS A 41 -10.30 -11.48 16.77
C HIS A 41 -9.46 -12.17 15.70
N GLU A 42 -8.22 -12.53 16.04
CA GLU A 42 -7.25 -13.23 15.15
C GLU A 42 -6.65 -12.23 14.15
N ILE A 43 -7.04 -10.95 14.19
CA ILE A 43 -6.56 -9.90 13.23
C ILE A 43 -5.56 -8.99 13.94
N PRO A 44 -4.29 -8.96 13.47
CA PRO A 44 -3.29 -8.05 14.03
C PRO A 44 -3.66 -6.57 13.85
N VAL A 45 -3.41 -5.77 14.88
CA VAL A 45 -3.57 -4.30 14.89
C VAL A 45 -2.18 -3.71 14.68
N LEU A 46 -2.04 -2.80 13.72
CA LEU A 46 -0.75 -2.13 13.45
C LEU A 46 -0.36 -1.23 14.62
N PRO A 47 0.96 -1.00 14.82
CA PRO A 47 1.42 -0.09 15.86
C PRO A 47 0.67 1.25 15.85
N ASN A 48 0.37 1.76 17.04
CA ASN A 48 -0.20 3.11 17.23
C ASN A 48 0.84 4.17 16.86
N ARG A 49 0.40 5.26 16.21
CA ARG A 49 1.21 6.46 15.87
C ARG A 49 1.93 6.99 17.12
N VAL A 50 1.29 6.89 18.29
CA VAL A 50 1.70 7.56 19.56
C VAL A 50 2.76 6.70 20.28
N GLY A 51 3.90 7.29 20.63
CA GLY A 51 4.97 6.64 21.42
C GLY A 51 5.90 5.77 20.57
N LEU A 52 5.64 5.66 19.27
CA LEU A 52 6.42 4.78 18.35
C LEU A 52 7.71 5.49 17.96
N PRO A 53 8.90 4.98 18.35
CA PRO A 53 10.16 5.63 18.01
C PRO A 53 10.30 5.78 16.48
N ILE A 54 10.87 6.91 16.06
CA ILE A 54 11.11 7.24 14.61
C ILE A 54 11.92 6.10 13.96
N ASN A 55 12.81 5.45 14.70
CA ASN A 55 13.69 4.37 14.18
C ASN A 55 12.85 3.14 13.81
N GLN A 56 11.59 3.04 14.26
CA GLN A 56 10.71 1.87 13.99
C GLN A 56 9.48 2.29 13.15
N ARG A 57 9.48 3.49 12.59
CA ARG A 57 8.26 4.11 12.01
C ARG A 57 8.02 3.61 10.57
N PHE A 58 9.07 3.19 9.87
CA PHE A 58 9.00 2.93 8.41
C PHE A 58 9.59 1.57 8.07
N ILE A 59 9.07 0.99 6.99
CA ILE A 59 9.74 -0.13 6.28
C ILE A 59 9.90 0.29 4.82
N LEU A 60 10.86 -0.31 4.14
CA LEU A 60 11.19 0.01 2.74
C LEU A 60 10.88 -1.18 1.88
N VAL A 61 10.25 -0.91 0.74
CA VAL A 61 10.03 -1.94 -0.30
C VAL A 61 10.87 -1.58 -1.53
N GLU A 62 11.82 -2.43 -1.87
CA GLU A 62 12.73 -2.22 -3.00
C GLU A 62 12.14 -3.02 -4.17
N LEU A 63 11.66 -2.31 -5.20
CA LEU A 63 11.07 -2.93 -6.40
C LEU A 63 12.06 -2.86 -7.56
N SER A 64 12.24 -3.98 -8.24
CA SER A 64 13.05 -4.10 -9.46
C SER A 64 12.18 -4.72 -10.55
N ASN A 65 12.58 -4.52 -11.81
CA ASN A 65 11.80 -5.04 -12.94
C ASN A 65 12.73 -5.63 -13.99
N HIS A 66 12.17 -6.10 -15.10
CA HIS A 66 12.93 -6.70 -16.24
C HIS A 66 13.90 -5.68 -16.84
N ALA A 67 13.59 -4.39 -16.76
CA ALA A 67 14.44 -3.30 -17.28
C ALA A 67 15.63 -3.08 -16.33
N GLU A 68 15.65 -3.79 -15.20
CA GLU A 68 16.73 -3.74 -14.17
C GLU A 68 16.76 -2.33 -13.56
N LEU A 69 15.59 -1.68 -13.51
CA LEU A 69 15.40 -0.41 -12.77
C LEU A 69 14.91 -0.75 -11.38
N SER A 70 15.33 0.06 -10.40
N SER A 70 15.40 -0.02 -10.38
CA SER A 70 15.07 -0.14 -8.95
CA SER A 70 14.99 -0.19 -8.96
C SER A 70 14.50 1.15 -8.36
C SER A 70 14.44 1.13 -8.44
N VAL A 71 13.37 1.05 -7.66
CA VAL A 71 12.85 2.18 -6.86
C VAL A 71 12.60 1.63 -5.46
N THR A 72 12.68 2.50 -4.46
CA THR A 72 12.42 2.10 -3.07
C THR A 72 11.23 2.88 -2.56
N LEU A 73 10.16 2.17 -2.17
CA LEU A 73 8.95 2.77 -1.58
C LEU A 73 9.16 2.78 -0.07
N ALA A 74 8.70 3.83 0.59
CA ALA A 74 8.67 3.85 2.06
C ALA A 74 7.23 3.67 2.53
N LEU A 75 6.98 2.71 3.42
CA LEU A 75 5.64 2.43 3.97
C LEU A 75 5.64 2.85 5.44
N ASP A 76 4.59 3.54 5.87
CA ASP A 76 4.34 3.86 7.29
C ASP A 76 3.82 2.60 7.98
N VAL A 77 4.53 2.11 9.01
CA VAL A 77 4.14 0.84 9.70
C VAL A 77 2.79 1.02 10.40
N THR A 78 2.31 2.26 10.61
CA THR A 78 1.05 2.53 11.37
C THR A 78 -0.18 2.28 10.47
N ASN A 79 -0.04 2.37 9.15
CA ASN A 79 -1.21 2.18 8.25
C ASN A 79 -0.84 1.36 7.00
N ALA A 80 0.40 0.88 6.86
CA ALA A 80 0.86 0.03 5.74
C ALA A 80 0.91 0.79 4.41
N TYR A 81 0.75 2.11 4.43
CA TYR A 81 0.53 2.92 3.20
C TYR A 81 1.84 3.60 2.80
N VAL A 82 1.95 3.82 1.50
CA VAL A 82 3.14 4.43 0.85
C VAL A 82 3.16 5.92 1.17
N VAL A 83 4.27 6.41 1.71
CA VAL A 83 4.44 7.86 2.05
C VAL A 83 5.34 8.55 1.03
N GLY A 84 6.13 7.77 0.30
CA GLY A 84 7.09 8.35 -0.64
C GLY A 84 7.98 7.30 -1.22
N TYR A 85 8.89 7.70 -2.10
CA TYR A 85 9.80 6.75 -2.75
C TYR A 85 11.08 7.46 -3.16
N ARG A 86 12.11 6.65 -3.36
CA ARG A 86 13.41 7.11 -3.90
C ARG A 86 13.66 6.45 -5.24
N ALA A 87 14.14 7.21 -6.22
CA ALA A 87 14.69 6.72 -7.51
C ALA A 87 15.97 7.50 -7.79
N GLY A 88 17.11 6.82 -7.76
CA GLY A 88 18.43 7.45 -7.98
C GLY A 88 18.69 8.53 -6.95
N ASN A 89 18.97 9.75 -7.41
CA ASN A 89 19.39 10.84 -6.51
C ASN A 89 18.21 11.75 -6.11
N SER A 90 16.96 11.30 -6.27
CA SER A 90 15.77 12.06 -5.82
C SER A 90 14.85 11.20 -4.98
N ALA A 91 14.20 11.81 -4.01
CA ALA A 91 13.12 11.21 -3.22
C ALA A 91 11.88 12.09 -3.37
N TYR A 92 10.73 11.47 -3.49
CA TYR A 92 9.42 12.13 -3.67
C TYR A 92 8.50 11.68 -2.54
N PHE A 93 7.82 12.63 -1.90
CA PHE A 93 6.93 12.37 -0.76
C PHE A 93 5.56 12.93 -1.08
N PHE A 94 4.51 12.20 -0.72
CA PHE A 94 3.13 12.74 -0.75
C PHE A 94 3.05 13.85 0.31
N HIS A 95 2.17 14.80 0.09
CA HIS A 95 1.93 15.90 1.06
C HIS A 95 1.50 15.27 2.38
N PRO A 96 2.23 15.50 3.50
CA PRO A 96 1.86 14.91 4.79
C PRO A 96 0.57 15.54 5.31
N ASP A 97 -0.22 14.79 6.07
CA ASP A 97 -1.56 15.22 6.57
C ASP A 97 -1.41 16.20 7.74
N ASN A 98 -0.30 16.16 8.47
CA ASN A 98 -0.10 16.95 9.71
C ASN A 98 1.39 17.23 9.92
N GLN A 99 1.70 18.16 10.83
CA GLN A 99 3.09 18.60 11.17
C GLN A 99 3.92 17.42 11.69
N GLU A 100 3.28 16.46 12.38
CA GLU A 100 3.94 15.28 13.00
C GLU A 100 4.48 14.34 11.91
N ASP A 101 3.63 14.00 10.93
CA ASP A 101 4.00 13.14 9.77
C ASP A 101 5.04 13.87 8.91
N ALA A 102 4.92 15.19 8.75
CA ALA A 102 5.88 16.01 7.97
C ALA A 102 7.27 15.88 8.59
N GLU A 103 7.38 15.94 9.93
CA GLU A 103 8.67 15.81 10.63
C GLU A 103 9.19 14.38 10.44
N ALA A 104 8.32 13.39 10.64
CA ALA A 104 8.66 11.94 10.55
C ALA A 104 9.31 11.62 9.19
N ILE A 105 8.73 12.07 8.07
CA ILE A 105 9.25 11.73 6.72
C ILE A 105 10.58 12.43 6.44
N THR A 106 10.97 13.47 7.19
CA THR A 106 12.32 14.09 7.02
C THR A 106 13.41 13.06 7.35
N HIS A 107 13.08 12.00 8.09
CA HIS A 107 14.03 10.93 8.51
C HIS A 107 14.19 9.87 7.41
N LEU A 108 13.42 9.96 6.31
CA LEU A 108 13.54 8.97 5.21
C LEU A 108 14.50 9.48 4.14
N PHE A 109 15.33 8.59 3.61
CA PHE A 109 16.18 8.87 2.41
C PHE A 109 16.99 10.15 2.66
N THR A 110 17.53 10.35 3.86
CA THR A 110 18.05 11.66 4.34
C THR A 110 19.37 12.01 3.66
N ASP A 111 20.02 11.03 3.04
CA ASP A 111 21.30 11.20 2.29
C ASP A 111 21.02 11.56 0.82
N VAL A 112 19.77 11.43 0.37
CA VAL A 112 19.40 11.69 -1.05
C VAL A 112 19.68 13.17 -1.37
N GLN A 113 20.13 13.47 -2.58
CA GLN A 113 20.57 14.85 -2.92
C GLN A 113 19.35 15.76 -3.08
N ASN A 114 18.26 15.27 -3.67
CA ASN A 114 17.06 16.11 -3.93
C ASN A 114 15.85 15.51 -3.24
N ARG A 115 15.16 16.31 -2.42
CA ARG A 115 13.88 15.92 -1.79
C ARG A 115 12.77 16.78 -2.42
N TYR A 116 11.70 16.13 -2.85
CA TYR A 116 10.50 16.79 -3.40
C TYR A 116 9.30 16.33 -2.59
N THR A 117 8.42 17.26 -2.24
CA THR A 117 7.12 16.94 -1.61
C THR A 117 6.02 17.44 -2.52
N PHE A 118 5.17 16.55 -2.96
CA PHE A 118 4.01 16.90 -3.82
C PHE A 118 3.03 17.75 -3.03
N ALA A 119 2.17 18.48 -3.72
CA ALA A 119 1.06 19.25 -3.10
C ALA A 119 -0.09 18.31 -2.73
N PHE A 120 -0.18 17.17 -3.41
CA PHE A 120 -1.26 16.17 -3.23
C PHE A 120 -0.81 15.10 -2.24
N GLY A 121 -1.78 14.54 -1.51
CA GLY A 121 -1.55 13.39 -0.63
C GLY A 121 -1.59 12.09 -1.42
N GLY A 122 -1.42 10.97 -0.72
CA GLY A 122 -1.44 9.63 -1.32
C GLY A 122 -2.85 9.05 -1.46
N ASN A 123 -3.89 9.81 -1.15
CA ASN A 123 -5.30 9.35 -1.22
C ASN A 123 -5.70 9.07 -2.68
N TYR A 124 -6.47 8.01 -2.90
CA TYR A 124 -6.91 7.61 -4.25
C TYR A 124 -7.72 8.72 -4.95
N ASP A 125 -8.54 9.48 -4.22
CA ASP A 125 -9.42 10.48 -4.85
C ASP A 125 -8.57 11.40 -5.73
N ARG A 126 -7.50 12.01 -5.20
CA ARG A 126 -6.68 12.94 -6.00
C ARG A 126 -5.80 12.15 -6.97
N LEU A 127 -5.22 11.00 -6.58
CA LEU A 127 -4.36 10.25 -7.53
C LEU A 127 -5.15 9.87 -8.79
N GLU A 128 -6.40 9.45 -8.65
CA GLU A 128 -7.29 9.12 -9.80
C GLU A 128 -7.48 10.35 -10.70
N GLN A 129 -7.72 11.53 -10.11
CA GLN A 129 -7.87 12.78 -10.90
C GLN A 129 -6.58 13.05 -11.67
N LEU A 130 -5.41 12.91 -11.03
CA LEU A 130 -4.11 13.13 -11.71
C LEU A 130 -3.90 12.09 -12.80
N ALA A 131 -4.29 10.84 -12.56
CA ALA A 131 -4.07 9.73 -13.51
C ALA A 131 -5.00 9.84 -14.71
N GLY A 132 -6.13 10.50 -14.53
CA GLY A 132 -7.19 10.56 -15.56
C GLY A 132 -7.95 9.24 -15.64
N ASN A 133 -8.03 8.50 -14.54
CA ASN A 133 -8.85 7.26 -14.47
C ASN A 133 -9.10 6.90 -13.01
N LEU A 134 -10.29 6.37 -12.75
CA LEU A 134 -10.64 5.64 -11.51
C LEU A 134 -9.86 4.33 -11.40
N ARG A 135 -9.70 3.84 -10.18
CA ARG A 135 -9.11 2.51 -9.90
C ARG A 135 -9.81 1.45 -10.76
N GLU A 136 -11.13 1.57 -10.99
CA GLU A 136 -11.88 0.51 -11.72
C GLU A 136 -11.48 0.47 -13.19
N ASN A 137 -10.70 1.44 -13.68
CA ASN A 137 -10.22 1.46 -15.08
C ASN A 137 -8.69 1.49 -15.16
N ILE A 138 -7.98 1.10 -14.09
CA ILE A 138 -6.49 0.93 -14.06
C ILE A 138 -6.15 -0.54 -13.81
N GLU A 139 -5.56 -1.19 -14.80
CA GLU A 139 -5.24 -2.63 -14.75
C GLU A 139 -4.12 -2.88 -13.74
N LEU A 140 -4.26 -3.97 -13.02
CA LEU A 140 -3.27 -4.50 -12.05
C LEU A 140 -2.76 -5.84 -12.59
N GLY A 141 -1.60 -6.26 -12.09
CA GLY A 141 -0.93 -7.47 -12.55
C GLY A 141 0.57 -7.23 -12.63
N ASN A 142 1.33 -8.25 -13.01
CA ASN A 142 2.79 -8.16 -13.10
C ASN A 142 3.18 -7.13 -14.18
N GLY A 143 2.39 -7.04 -15.26
CA GLY A 143 2.71 -6.14 -16.37
C GLY A 143 2.57 -4.69 -15.93
N PRO A 144 1.40 -4.31 -15.39
CA PRO A 144 1.22 -2.98 -14.83
C PRO A 144 2.30 -2.63 -13.78
N LEU A 145 2.69 -3.57 -12.92
CA LEU A 145 3.72 -3.30 -11.88
C LEU A 145 5.10 -3.09 -12.53
N GLU A 146 5.49 -3.91 -13.50
CA GLU A 146 6.70 -3.69 -14.32
C GLU A 146 6.73 -2.23 -14.82
N GLU A 147 5.63 -1.82 -15.45
CA GLU A 147 5.52 -0.48 -16.08
C GLU A 147 5.56 0.59 -15.00
N ALA A 148 4.92 0.35 -13.87
CA ALA A 148 4.85 1.33 -12.78
C ALA A 148 6.26 1.57 -12.24
N ILE A 149 7.06 0.53 -12.13
CA ILE A 149 8.44 0.64 -11.59
C ILE A 149 9.24 1.52 -12.55
N SER A 150 9.06 1.30 -13.85
CA SER A 150 9.85 2.09 -14.85
C SER A 150 9.39 3.55 -14.74
N ALA A 151 8.07 3.77 -14.69
CA ALA A 151 7.49 5.13 -14.58
C ALA A 151 8.04 5.84 -13.33
N LEU A 152 8.04 5.21 -12.15
CA LEU A 152 8.54 5.85 -10.91
C LEU A 152 10.03 6.17 -11.08
N TYR A 153 10.77 5.27 -11.70
CA TYR A 153 12.23 5.47 -11.90
C TYR A 153 12.45 6.72 -12.74
N TYR A 154 11.72 6.86 -13.85
CA TYR A 154 12.07 7.88 -14.87
C TYR A 154 11.48 9.22 -14.47
N TYR A 155 10.66 9.28 -13.43
CA TYR A 155 10.18 10.60 -12.94
C TYR A 155 11.38 11.43 -12.43
N SER A 156 12.43 10.76 -11.93
N SER A 156 12.43 10.77 -11.93
CA SER A 156 13.64 11.39 -11.33
CA SER A 156 13.62 11.42 -11.33
C SER A 156 14.36 12.26 -12.38
C SER A 156 14.39 12.23 -12.38
N THR A 157 14.16 11.97 -13.68
CA THR A 157 14.80 12.69 -14.81
C THR A 157 13.76 13.32 -15.75
N GLY A 158 12.50 13.41 -15.33
CA GLY A 158 11.41 14.07 -16.10
C GLY A 158 10.89 13.23 -17.25
N GLY A 159 11.31 11.98 -17.38
CA GLY A 159 10.89 11.08 -18.48
C GLY A 159 9.45 10.61 -18.33
N THR A 160 8.88 10.72 -17.13
CA THR A 160 7.49 10.29 -16.80
C THR A 160 6.62 11.53 -16.59
N GLN A 161 5.47 11.61 -17.28
CA GLN A 161 4.42 12.64 -17.13
C GLN A 161 3.63 12.37 -15.83
N LEU A 162 3.10 13.41 -15.20
CA LEU A 162 2.42 13.28 -13.88
C LEU A 162 1.28 12.27 -13.96
N PRO A 163 0.43 12.26 -15.02
CA PRO A 163 -0.67 11.29 -15.06
C PRO A 163 -0.18 9.85 -14.97
N THR A 164 0.91 9.53 -15.66
CA THR A 164 1.51 8.17 -15.64
C THR A 164 2.12 7.90 -14.27
N LEU A 165 2.73 8.90 -13.64
CA LEU A 165 3.27 8.72 -12.27
C LEU A 165 2.11 8.39 -11.31
N ALA A 166 1.00 9.14 -11.40
CA ALA A 166 -0.16 8.94 -10.51
C ALA A 166 -0.76 7.54 -10.76
N ARG A 167 -0.92 7.15 -12.02
CA ARG A 167 -1.40 5.79 -12.39
C ARG A 167 -0.49 4.76 -11.73
N SER A 168 0.81 4.98 -11.81
CA SER A 168 1.85 4.06 -11.29
C SER A 168 1.78 3.96 -9.76
N PHE A 169 1.54 5.06 -9.06
CA PHE A 169 1.31 5.04 -7.60
C PHE A 169 0.09 4.18 -7.29
N ILE A 170 -1.00 4.35 -8.06
CA ILE A 170 -2.25 3.61 -7.78
C ILE A 170 -1.97 2.11 -7.92
N ILE A 171 -1.17 1.74 -8.89
CA ILE A 171 -0.81 0.32 -9.12
C ILE A 171 0.01 -0.20 -7.94
N CYS A 172 1.05 0.52 -7.55
CA CYS A 172 1.98 0.06 -6.47
C CYS A 172 1.23 -0.01 -5.15
N ILE A 173 0.42 1.00 -4.82
CA ILE A 173 -0.29 1.06 -3.52
C ILE A 173 -1.18 -0.17 -3.43
N GLN A 174 -1.93 -0.48 -4.48
CA GLN A 174 -2.88 -1.62 -4.40
C GLN A 174 -2.13 -2.94 -4.33
N MET A 175 -1.08 -3.12 -5.12
CA MET A 175 -0.41 -4.45 -5.22
C MET A 175 0.51 -4.66 -4.02
N ILE A 176 0.77 -3.62 -3.23
CA ILE A 176 1.67 -3.74 -2.06
C ILE A 176 0.86 -3.44 -0.79
N SER A 177 0.49 -2.18 -0.56
CA SER A 177 -0.21 -1.77 0.68
C SER A 177 -1.53 -2.54 0.82
N GLU A 178 -2.41 -2.51 -0.20
CA GLU A 178 -3.77 -3.08 -0.05
C GLU A 178 -3.65 -4.61 0.03
N ALA A 179 -2.69 -5.22 -0.66
CA ALA A 179 -2.44 -6.69 -0.59
C ALA A 179 -1.95 -7.07 0.81
N ALA A 180 -1.10 -6.26 1.44
CA ALA A 180 -0.62 -6.52 2.82
C ALA A 180 -1.83 -6.44 3.77
N ARG A 181 -2.71 -5.45 3.54
CA ARG A 181 -3.87 -5.17 4.43
C ARG A 181 -4.95 -6.26 4.34
N PHE A 182 -5.13 -6.87 3.18
CA PHE A 182 -6.25 -7.82 2.90
C PHE A 182 -5.77 -9.11 2.24
N GLN A 183 -5.98 -10.26 2.90
CA GLN A 183 -5.76 -11.58 2.24
C GLN A 183 -6.59 -11.63 0.95
N TYR A 184 -7.78 -11.02 0.94
CA TYR A 184 -8.69 -11.02 -0.24
C TYR A 184 -7.97 -10.35 -1.42
N ILE A 185 -7.33 -9.20 -1.18
CA ILE A 185 -6.64 -8.45 -2.27
C ILE A 185 -5.33 -9.16 -2.61
N GLU A 186 -4.61 -9.69 -1.62
CA GLU A 186 -3.44 -10.55 -1.94
C GLU A 186 -3.88 -11.65 -2.89
N GLY A 187 -5.00 -12.31 -2.59
CA GLY A 187 -5.59 -13.38 -3.42
C GLY A 187 -5.84 -12.92 -4.85
N GLU A 188 -6.43 -11.72 -5.01
CA GLU A 188 -6.73 -11.11 -6.34
C GLU A 188 -5.43 -10.95 -7.13
N MET A 189 -4.35 -10.54 -6.46
CA MET A 189 -3.08 -10.28 -7.17
C MET A 189 -2.40 -11.62 -7.49
N ARG A 190 -2.44 -12.59 -6.59
CA ARG A 190 -1.93 -13.97 -6.82
C ARG A 190 -2.63 -14.59 -8.03
N THR A 191 -3.94 -14.40 -8.16
CA THR A 191 -4.75 -14.94 -9.28
C THR A 191 -4.27 -14.30 -10.59
N ARG A 192 -4.07 -12.99 -10.61
CA ARG A 192 -3.58 -12.31 -11.84
C ARG A 192 -2.21 -12.88 -12.22
N ILE A 193 -1.32 -13.09 -11.26
CA ILE A 193 0.05 -13.57 -11.56
C ILE A 193 -0.01 -15.02 -12.04
N ARG A 194 -0.83 -15.85 -11.39
CA ARG A 194 -1.02 -17.29 -11.75
C ARG A 194 -1.36 -17.39 -13.24
N TYR A 195 -2.32 -16.59 -13.69
CA TYR A 195 -2.94 -16.72 -15.05
C TYR A 195 -2.31 -15.72 -16.03
N ASN A 196 -1.24 -15.03 -15.64
CA ASN A 196 -0.58 -14.00 -16.47
C ASN A 196 -1.67 -13.06 -17.02
N ARG A 197 -2.47 -12.52 -16.12
CA ARG A 197 -3.61 -11.64 -16.44
C ARG A 197 -3.25 -10.19 -16.11
N ARG A 198 -4.04 -9.32 -16.68
CA ARG A 198 -3.92 -7.86 -16.54
C ARG A 198 -5.36 -7.33 -16.48
N SER A 199 -5.82 -6.89 -15.32
CA SER A 199 -7.24 -6.49 -15.16
C SER A 199 -7.42 -5.53 -13.99
N ALA A 200 -8.37 -4.64 -14.13
CA ALA A 200 -8.72 -3.65 -13.11
C ALA A 200 -9.40 -4.35 -11.94
N PRO A 201 -9.26 -3.80 -10.72
CA PRO A 201 -9.93 -4.35 -9.55
C PRO A 201 -11.44 -4.21 -9.71
N ASP A 202 -12.18 -5.23 -9.27
CA ASP A 202 -13.66 -5.19 -9.31
C ASP A 202 -14.17 -4.44 -8.08
N PRO A 203 -15.48 -4.13 -8.02
CA PRO A 203 -16.03 -3.31 -6.94
C PRO A 203 -15.82 -3.90 -5.54
N SER A 204 -15.70 -5.22 -5.42
CA SER A 204 -15.44 -5.91 -4.13
C SER A 204 -14.09 -5.44 -3.59
N VAL A 205 -13.09 -5.34 -4.47
CA VAL A 205 -11.71 -4.91 -4.08
C VAL A 205 -11.75 -3.41 -3.74
N ILE A 206 -12.39 -2.62 -4.59
CA ILE A 206 -12.38 -1.14 -4.42
C ILE A 206 -13.09 -0.78 -3.12
N THR A 207 -14.21 -1.44 -2.81
CA THR A 207 -14.99 -1.11 -1.59
C THR A 207 -14.22 -1.56 -0.34
N LEU A 208 -13.54 -2.70 -0.39
CA LEU A 208 -12.65 -3.12 0.72
C LEU A 208 -11.58 -2.04 0.95
N GLU A 209 -10.88 -1.61 -0.10
CA GLU A 209 -9.85 -0.54 0.05
C GLU A 209 -10.49 0.67 0.73
N ASN A 210 -11.66 1.11 0.25
CA ASN A 210 -12.33 2.35 0.73
C ASN A 210 -12.75 2.18 2.19
N SER A 211 -12.98 0.94 2.62
CA SER A 211 -13.61 0.61 3.92
C SER A 211 -12.58 0.17 4.97
N TRP A 212 -11.29 0.14 4.64
CA TRP A 212 -10.26 -0.40 5.56
C TRP A 212 -10.29 0.32 6.92
N GLY A 213 -10.34 1.65 6.91
CA GLY A 213 -10.40 2.46 8.15
C GLY A 213 -11.64 2.15 8.95
N ARG A 214 -12.82 2.15 8.30
CA ARG A 214 -14.14 1.92 8.92
C ARG A 214 -14.19 0.50 9.47
N LEU A 215 -13.70 -0.50 8.73
CA LEU A 215 -13.66 -1.93 9.18
C LEU A 215 -12.75 -2.06 10.41
N SER A 216 -11.60 -1.37 10.41
CA SER A 216 -10.61 -1.41 11.52
C SER A 216 -11.29 -0.91 12.79
N THR A 217 -11.97 0.22 12.70
CA THR A 217 -12.68 0.87 13.82
C THR A 217 -13.83 -0.04 14.28
N ALA A 218 -14.67 -0.51 13.35
CA ALA A 218 -15.85 -1.35 13.67
C ALA A 218 -15.43 -2.59 14.43
N ILE A 219 -14.33 -3.23 14.02
CA ILE A 219 -13.85 -4.52 14.59
C ILE A 219 -13.29 -4.25 16.00
N GLN A 220 -12.56 -3.15 16.17
CA GLN A 220 -11.87 -2.84 17.45
C GLN A 220 -12.86 -2.31 18.49
N GLU A 221 -13.93 -1.62 18.06
CA GLU A 221 -14.95 -1.03 18.96
C GLU A 221 -16.06 -2.06 19.23
N SER A 222 -16.01 -3.23 18.60
CA SER A 222 -17.10 -4.24 18.61
C SER A 222 -17.26 -4.81 20.03
N ASN A 223 -18.48 -5.20 20.36
CA ASN A 223 -18.79 -5.97 21.60
C ASN A 223 -18.51 -7.45 21.30
N GLN A 224 -17.30 -7.92 21.62
CA GLN A 224 -16.81 -9.29 21.32
C GLN A 224 -17.21 -9.68 19.90
N GLY A 225 -16.89 -8.82 18.92
CA GLY A 225 -17.05 -9.11 17.48
C GLY A 225 -18.30 -8.48 16.88
N ALA A 226 -19.28 -8.11 17.70
CA ALA A 226 -20.59 -7.55 17.27
C ALA A 226 -20.47 -6.03 17.06
N PHE A 227 -20.75 -5.55 15.84
CA PHE A 227 -20.63 -4.13 15.46
C PHE A 227 -21.82 -3.33 16.03
N ALA A 228 -21.55 -2.11 16.51
CA ALA A 228 -22.58 -1.13 16.98
C ALA A 228 -23.45 -0.70 15.80
N SER A 229 -22.85 -0.51 14.62
CA SER A 229 -23.53 -0.22 13.33
C SER A 229 -23.03 -1.19 12.26
N PRO A 230 -23.90 -1.65 11.34
CA PRO A 230 -23.45 -2.50 10.23
C PRO A 230 -22.59 -1.72 9.24
N ILE A 231 -21.68 -2.43 8.54
CA ILE A 231 -20.82 -1.85 7.48
C ILE A 231 -21.27 -2.42 6.13
N GLN A 232 -21.50 -1.53 5.15
CA GLN A 232 -21.90 -1.91 3.77
C GLN A 232 -20.65 -2.14 2.93
N LEU A 233 -20.53 -3.32 2.34
CA LEU A 233 -19.47 -3.69 1.37
C LEU A 233 -20.15 -4.04 0.04
N GLN A 234 -19.36 -4.27 -1.01
CA GLN A 234 -19.87 -4.61 -2.36
C GLN A 234 -19.42 -6.01 -2.74
N ARG A 235 -20.27 -6.71 -3.49
CA ARG A 235 -19.93 -7.96 -4.19
C ARG A 235 -19.20 -7.59 -5.48
N ARG A 236 -18.67 -8.59 -6.18
CA ARG A 236 -17.97 -8.43 -7.48
C ARG A 236 -18.90 -7.78 -8.50
N ASN A 237 -20.22 -8.01 -8.40
CA ASN A 237 -21.22 -7.46 -9.36
C ASN A 237 -21.67 -6.05 -8.94
N GLY A 238 -21.13 -5.49 -7.85
CA GLY A 238 -21.39 -4.12 -7.40
C GLY A 238 -22.57 -4.01 -6.43
N SER A 239 -23.33 -5.08 -6.21
CA SER A 239 -24.47 -5.07 -5.26
C SER A 239 -23.93 -4.93 -3.82
N LYS A 240 -24.66 -4.24 -2.96
CA LYS A 240 -24.26 -3.96 -1.56
C LYS A 240 -24.83 -5.05 -0.65
N PHE A 241 -24.05 -5.43 0.37
CA PHE A 241 -24.52 -6.23 1.53
C PHE A 241 -23.97 -5.60 2.81
N SER A 242 -24.61 -5.92 3.93
CA SER A 242 -24.24 -5.39 5.27
C SER A 242 -23.43 -6.46 6.01
N VAL A 243 -22.45 -6.03 6.79
CA VAL A 243 -21.65 -6.89 7.72
C VAL A 243 -21.95 -6.40 9.14
N TYR A 244 -22.31 -7.32 10.03
CA TYR A 244 -22.78 -7.03 11.42
C TYR A 244 -21.75 -7.51 12.44
N ASP A 245 -20.81 -8.35 12.01
CA ASP A 245 -19.96 -9.17 12.88
C ASP A 245 -18.59 -9.40 12.23
N VAL A 246 -17.55 -9.57 13.04
CA VAL A 246 -16.14 -9.76 12.60
C VAL A 246 -15.99 -11.10 11.86
N SER A 247 -16.78 -12.12 12.19
CA SER A 247 -16.53 -13.53 11.76
C SER A 247 -16.18 -13.61 10.27
N ILE A 248 -17.06 -13.10 9.40
CA ILE A 248 -16.96 -13.23 7.91
C ILE A 248 -15.71 -12.49 7.42
N LEU A 249 -15.19 -11.55 8.21
CA LEU A 249 -14.03 -10.69 7.80
C LEU A 249 -12.69 -11.32 8.20
N ILE A 250 -12.63 -12.34 9.07
CA ILE A 250 -11.32 -12.88 9.56
C ILE A 250 -10.49 -13.39 8.38
N PRO A 251 -11.05 -14.07 7.37
CA PRO A 251 -10.28 -14.50 6.20
C PRO A 251 -9.99 -13.38 5.17
N ILE A 252 -10.58 -12.19 5.35
CA ILE A 252 -10.61 -11.10 4.35
C ILE A 252 -9.54 -10.06 4.70
N ILE A 253 -9.51 -9.61 5.96
CA ILE A 253 -8.67 -8.48 6.44
C ILE A 253 -7.51 -9.02 7.30
N ALA A 254 -6.28 -8.67 6.90
CA ALA A 254 -5.03 -9.22 7.48
C ALA A 254 -4.42 -8.27 8.53
N LEU A 255 -4.68 -6.97 8.44
CA LEU A 255 -4.05 -5.92 9.30
C LEU A 255 -5.10 -4.85 9.58
N MET A 256 -5.10 -4.23 10.76
CA MET A 256 -5.99 -3.08 11.05
C MET A 256 -5.18 -1.89 11.56
N VAL A 257 -5.61 -0.68 11.23
CA VAL A 257 -5.07 0.58 11.82
C VAL A 257 -5.64 0.69 13.24
N TYR A 258 -4.86 1.25 14.16
CA TYR A 258 -5.32 1.52 15.55
C TYR A 258 -6.59 2.38 15.52
N ARG A 259 -7.58 2.01 16.34
CA ARG A 259 -8.82 2.79 16.59
C ARG A 259 -8.59 3.78 17.74
C12 ZJA B . -19.69 -11.74 -4.50
C15 ZJA B . -16.02 -8.40 0.38
C01 ZJA B . -16.58 -10.36 3.29
C02 ZJA B . -16.23 -9.45 2.54
C03 ZJA B . -16.41 -9.43 1.13
C04 ZJA B . -17.08 -10.65 0.49
C05 ZJA B . -17.34 -11.51 1.57
C06 ZJA B . -17.17 -11.50 2.80
C07 ZJA B . -17.29 -10.72 -0.90
C08 ZJA B . -16.42 -10.35 -1.95
C09 ZJA B . -17.20 -10.65 -3.09
C10 ZJA B . -18.35 -11.16 -3.15
S11 ZJA B . -18.84 -11.42 -1.55
O13 ZJA B . -20.53 -12.25 -3.82
O14 ZJA B . -19.16 -11.39 -5.50
C1 GOL C . -5.00 18.41 -4.36
O1 GOL C . -5.01 17.45 -3.30
C2 GOL C . -3.61 18.93 -4.62
O2 GOL C . -3.32 20.02 -3.74
C3 GOL C . -3.40 19.39 -6.06
O3 GOL C . -2.87 18.35 -6.87
C1 GOL D . -16.30 -14.01 -2.09
O1 GOL D . -15.32 -14.45 -1.16
C2 GOL D . -16.40 -14.93 -3.29
O2 GOL D . -15.55 -14.46 -4.33
C3 GOL D . -17.81 -15.08 -3.81
O3 GOL D . -17.85 -15.83 -5.03
C1 GOL E . 3.00 -13.17 -15.08
O1 GOL E . 1.91 -12.70 -14.30
C2 GOL E . 4.25 -13.43 -14.26
O2 GOL E . 4.11 -14.65 -13.55
C3 GOL E . 5.49 -13.48 -15.14
O3 GOL E . 6.71 -13.36 -14.40
#